data_2HJN
#
_entry.id   2HJN
#
_cell.length_a   72.750
_cell.length_b   70.811
_cell.length_c   50.622
_cell.angle_alpha   90.00
_cell.angle_beta   119.35
_cell.angle_gamma   90.00
#
_symmetry.space_group_name_H-M   'C 1 2 1'
#
loop_
_entity.id
_entity.type
_entity.pdbx_description
1 polymer 'Maintenance of ploidy protein MOB1'
2 non-polymer 'ZINC ION'
3 non-polymer 'SULFATE ION'
4 water water
#
_entity_poly.entity_id   1
_entity_poly.type   'polypeptide(L)'
_entity_poly.pdbx_seq_one_letter_code
;(MSE)SPVLTTPKRHAPPPEQLQNVTDFNYTPSHQKPFLQPQAGTTVTTHQDIKQIVE(MSE)TLGSEGVLNQAVKLPRG
EDENEWLAVHCVDFYNQIN(MSE)LYGSITEFCSPQTCPR(MSE)IATNEYEYLWAFQKGQPPVSVSAPKYVECL(MSE)
RWCQDQFDDESLFPSKVTGTFPEGFIQRVIQPILRRLFRVYAHIYCHHFNEILELNLQTVLNTSFRHFCLFAQEFELLRP
ADFGPLLELV(MSE)ELRDR
;
_entity_poly.pdbx_strand_id   A
#
# COMPACT_ATOMS: atom_id res chain seq x y z
N PRO A 3 -1.48 4.55 12.79
CA PRO A 3 -2.64 4.14 13.50
C PRO A 3 -4.07 4.27 13.12
N VAL A 4 -4.82 3.36 13.74
CA VAL A 4 -6.06 2.91 13.18
C VAL A 4 -7.08 3.37 14.20
N LEU A 5 -8.09 4.04 13.67
CA LEU A 5 -9.24 4.49 14.45
C LEU A 5 -10.51 3.80 13.91
N THR A 6 -10.97 2.78 14.62
CA THR A 6 -12.10 1.96 14.17
C THR A 6 -13.40 2.44 14.84
N THR A 7 -14.46 2.57 14.05
CA THR A 7 -15.73 3.05 14.57
C THR A 7 -16.87 2.20 14.05
N ASN A 20 -11.77 23.28 -6.78
CA ASN A 20 -10.99 23.14 -8.01
C ASN A 20 -9.48 23.30 -7.78
N VAL A 21 -9.08 23.42 -6.51
CA VAL A 21 -7.67 23.57 -6.15
C VAL A 21 -6.97 22.19 -6.25
N THR A 22 -5.84 22.17 -6.95
CA THR A 22 -5.21 20.91 -7.39
C THR A 22 -3.79 20.72 -6.80
N ASP A 23 -3.32 21.77 -6.13
CA ASP A 23 -1.95 21.86 -5.62
C ASP A 23 -1.63 20.76 -4.59
N PHE A 24 -2.70 20.24 -3.97
CA PHE A 24 -2.59 19.38 -2.80
C PHE A 24 -3.08 17.93 -3.01
N ASN A 25 -3.11 17.47 -4.28
CA ASN A 25 -3.25 16.06 -4.64
C ASN A 25 -1.92 15.29 -4.52
N TYR A 26 -2.00 13.97 -4.42
CA TYR A 26 -0.81 13.11 -4.40
C TYR A 26 0.06 13.36 -5.65
N THR A 27 1.37 13.61 -5.42
CA THR A 27 2.40 13.65 -6.48
C THR A 27 3.14 12.30 -6.66
N PRO A 28 2.98 11.64 -7.83
CA PRO A 28 3.69 10.36 -7.96
C PRO A 28 5.22 10.53 -8.02
N SER A 29 5.95 9.51 -7.56
CA SER A 29 7.39 9.37 -7.70
C SER A 29 7.71 7.87 -7.79
N HIS A 30 8.29 7.46 -8.91
CA HIS A 30 8.77 6.11 -9.09
C HIS A 30 10.09 5.89 -8.30
N GLN A 31 10.25 4.69 -7.77
CA GLN A 31 11.42 4.26 -7.02
C GLN A 31 12.29 3.34 -7.88
N LYS A 32 13.56 3.65 -7.98
CA LYS A 32 14.49 2.78 -8.71
C LYS A 32 14.52 1.34 -8.10
N PRO A 33 14.56 0.32 -8.95
CA PRO A 33 14.50 -1.05 -8.41
C PRO A 33 15.65 -1.34 -7.43
N PHE A 34 15.39 -2.22 -6.47
CA PHE A 34 16.35 -2.47 -5.40
C PHE A 34 17.74 -2.83 -6.00
N LEU A 35 17.72 -3.69 -7.02
CA LEU A 35 18.94 -4.20 -7.69
C LEU A 35 19.63 -3.26 -8.72
N ASP A 48 -21.25 0.58 1.74
CA ASP A 48 -20.67 -0.27 2.76
C ASP A 48 -19.85 -1.41 2.15
N ILE A 49 -19.12 -2.09 3.02
CA ILE A 49 -18.15 -3.06 2.53
C ILE A 49 -18.78 -4.15 1.61
N LYS A 50 -19.95 -4.72 1.98
CA LYS A 50 -20.60 -5.72 1.10
C LYS A 50 -20.82 -5.21 -0.34
N GLN A 51 -21.28 -3.97 -0.47
CA GLN A 51 -21.43 -3.29 -1.76
C GLN A 51 -20.05 -3.17 -2.46
N ILE A 52 -19.06 -2.69 -1.73
CA ILE A 52 -17.75 -2.56 -2.34
C ILE A 52 -17.21 -3.88 -2.91
N VAL A 53 -17.27 -4.97 -2.14
CA VAL A 53 -16.78 -6.28 -2.63
C VAL A 53 -17.54 -6.86 -3.87
N GLU A 54 -18.85 -6.63 -3.94
CA GLU A 54 -19.64 -7.11 -5.08
C GLU A 54 -19.35 -6.35 -6.37
N THR A 56 -16.42 -5.00 -6.97
CA THR A 56 -15.10 -5.53 -7.32
C THR A 56 -15.11 -6.84 -8.11
N LEU A 57 -15.92 -7.79 -7.66
CA LEU A 57 -15.99 -9.08 -8.35
C LEU A 57 -16.72 -8.88 -9.71
N GLY A 58 -17.78 -8.08 -9.74
CA GLY A 58 -18.54 -7.87 -10.98
C GLY A 58 -17.76 -7.13 -12.06
N SER A 59 -16.70 -6.43 -11.64
CA SER A 59 -15.87 -5.58 -12.53
C SER A 59 -15.16 -6.40 -13.57
N GLU A 60 -14.83 -7.64 -13.19
CA GLU A 60 -14.12 -8.62 -14.00
C GLU A 60 -14.86 -9.10 -15.29
N GLY A 61 -16.19 -8.96 -15.33
CA GLY A 61 -17.03 -9.30 -16.50
C GLY A 61 -17.23 -8.19 -17.56
N VAL A 62 -16.89 -6.94 -17.21
CA VAL A 62 -17.05 -5.79 -18.11
C VAL A 62 -15.90 -5.60 -19.08
N ALA A 66 4.88 -14.69 -9.00
CA ALA A 66 6.17 -14.92 -8.32
C ALA A 66 6.14 -14.68 -6.80
N VAL A 67 5.95 -15.75 -6.00
CA VAL A 67 5.83 -15.61 -4.52
C VAL A 67 6.87 -16.38 -3.66
N LYS A 68 6.98 -17.69 -3.89
CA LYS A 68 8.00 -18.52 -3.20
C LYS A 68 9.44 -18.02 -3.41
N LEU A 69 10.22 -18.09 -2.34
CA LEU A 69 11.65 -17.82 -2.43
C LEU A 69 12.33 -18.86 -3.30
N PRO A 70 12.99 -18.44 -4.42
CA PRO A 70 13.72 -19.42 -5.25
C PRO A 70 14.93 -20.01 -4.53
N ARG A 71 15.23 -21.27 -4.83
CA ARG A 71 16.26 -22.01 -4.11
C ARG A 71 17.61 -21.34 -4.31
N GLY A 72 18.40 -21.29 -3.24
CA GLY A 72 19.71 -20.61 -3.25
C GLY A 72 19.63 -19.08 -3.08
N GLU A 73 18.41 -18.54 -2.98
CA GLU A 73 18.26 -17.08 -2.92
C GLU A 73 18.02 -16.53 -1.53
N ASP A 74 18.47 -15.30 -1.31
CA ASP A 74 18.40 -14.71 0.01
C ASP A 74 17.01 -14.11 0.28
N GLU A 75 16.43 -14.45 1.44
CA GLU A 75 15.09 -14.05 1.84
C GLU A 75 14.89 -12.52 1.98
N ASN A 76 15.82 -11.87 2.69
CA ASN A 76 15.90 -10.38 2.77
C ASN A 76 15.95 -9.71 1.41
N GLU A 77 16.77 -10.24 0.49
CA GLU A 77 16.84 -9.66 -0.85
C GLU A 77 15.53 -9.79 -1.62
N TRP A 78 14.98 -10.99 -1.60
CA TRP A 78 13.70 -11.33 -2.20
C TRP A 78 12.59 -10.40 -1.64
N LEU A 79 12.52 -10.26 -0.32
CA LEU A 79 11.53 -9.35 0.28
C LEU A 79 11.79 -7.85 -0.03
N ALA A 80 13.06 -7.42 -0.02
CA ALA A 80 13.45 -6.06 -0.44
C ALA A 80 13.06 -5.76 -1.91
N VAL A 81 13.40 -6.66 -2.83
CA VAL A 81 12.98 -6.54 -4.24
C VAL A 81 11.47 -6.35 -4.37
N HIS A 82 10.68 -7.23 -3.76
CA HIS A 82 9.24 -7.13 -3.88
C HIS A 82 8.60 -5.96 -3.16
N CYS A 83 9.18 -5.52 -2.04
CA CYS A 83 8.66 -4.35 -1.34
C CYS A 83 8.77 -3.07 -2.22
N VAL A 84 9.91 -2.86 -2.88
CA VAL A 84 10.04 -1.72 -3.84
C VAL A 84 9.09 -1.89 -5.04
N ASP A 85 8.99 -3.11 -5.58
CA ASP A 85 8.02 -3.38 -6.65
C ASP A 85 6.56 -3.10 -6.22
N PHE A 86 6.16 -3.43 -5.00
CA PHE A 86 4.77 -3.17 -4.58
C PHE A 86 4.46 -1.67 -4.43
N TYR A 87 5.46 -0.97 -3.94
CA TYR A 87 5.40 0.50 -3.82
C TYR A 87 5.17 1.08 -5.23
N ASN A 88 5.90 0.56 -6.20
CA ASN A 88 5.80 1.12 -7.55
C ASN A 88 4.43 0.83 -8.23
N GLN A 89 3.84 -0.34 -8.00
CA GLN A 89 2.47 -0.62 -8.47
C GLN A 89 1.44 0.32 -7.82
N ILE A 90 1.61 0.62 -6.52
CA ILE A 90 0.63 1.49 -5.76
C ILE A 90 0.79 2.95 -6.22
N ASN A 91 2.04 3.36 -6.40
CA ASN A 91 2.37 4.64 -7.03
C ASN A 91 1.70 4.82 -8.43
N LEU A 93 -0.92 3.10 -9.60
CA LEU A 93 -2.37 3.07 -9.41
C LEU A 93 -2.94 4.36 -8.77
N TYR A 94 -2.28 4.90 -7.74
CA TYR A 94 -2.73 6.22 -7.18
C TYR A 94 -2.57 7.34 -8.16
N GLY A 95 -1.50 7.28 -8.90
CA GLY A 95 -1.23 8.26 -9.93
C GLY A 95 -2.29 8.32 -10.98
N SER A 96 -2.90 7.19 -11.31
CA SER A 96 -3.94 7.17 -12.34
C SER A 96 -5.22 7.94 -11.94
N ILE A 97 -5.49 7.97 -10.64
CA ILE A 97 -6.73 8.60 -10.15
C ILE A 97 -6.51 9.84 -9.28
N THR A 98 -5.26 10.31 -9.23
CA THR A 98 -4.88 11.33 -8.23
C THR A 98 -5.69 12.65 -8.30
N GLU A 99 -6.12 13.02 -9.50
CA GLU A 99 -6.94 14.23 -9.64
C GLU A 99 -8.34 14.10 -9.04
N PHE A 100 -8.77 12.88 -8.70
CA PHE A 100 -10.10 12.62 -8.09
C PHE A 100 -10.05 12.51 -6.55
N CYS A 101 -8.85 12.63 -5.99
CA CYS A 101 -8.64 12.57 -4.53
C CYS A 101 -7.95 13.86 -4.05
N SER A 102 -8.76 14.78 -3.55
CA SER A 102 -8.31 16.08 -3.02
C SER A 102 -8.74 16.25 -1.55
N PRO A 103 -8.20 17.27 -0.85
CA PRO A 103 -8.65 17.50 0.51
C PRO A 103 -10.13 17.85 0.62
N GLN A 104 -10.78 18.28 -0.48
CA GLN A 104 -12.26 18.48 -0.47
C GLN A 104 -13.08 17.25 -0.76
N THR A 105 -12.61 16.34 -1.62
CA THR A 105 -13.38 15.08 -1.78
C THR A 105 -13.17 14.14 -0.60
N CYS A 106 -11.95 14.09 -0.09
CA CYS A 106 -11.60 13.14 0.97
C CYS A 106 -10.88 13.85 2.13
N PRO A 107 -11.68 14.50 3.05
CA PRO A 107 -11.13 15.22 4.18
C PRO A 107 -10.45 14.39 5.29
N ARG A 108 -10.63 13.06 5.28
CA ARG A 108 -10.02 12.17 6.22
C ARG A 108 -9.52 10.94 5.43
N ILE A 110 -9.88 7.55 5.03
CA ILE A 110 -10.82 6.52 5.47
C ILE A 110 -10.93 5.34 4.49
N ALA A 111 -11.52 4.23 4.96
CA ALA A 111 -11.74 3.05 4.14
C ALA A 111 -13.08 2.60 4.64
N THR A 112 -14.13 3.15 4.03
CA THR A 112 -15.47 3.30 4.61
C THR A 112 -15.50 4.07 5.92
N ASN A 113 -16.70 4.40 6.39
CA ASN A 113 -16.81 5.13 7.68
C ASN A 113 -16.48 4.34 8.97
N GLU A 114 -16.16 3.05 8.87
CA GLU A 114 -15.73 2.29 10.05
C GLU A 114 -14.22 2.35 10.35
N TYR A 115 -13.40 2.76 9.37
CA TYR A 115 -11.95 2.79 9.55
C TYR A 115 -11.38 4.13 9.15
N GLU A 116 -10.70 4.79 10.08
CA GLU A 116 -9.92 6.01 9.78
C GLU A 116 -8.44 5.74 10.10
N TYR A 117 -7.52 6.09 9.19
CA TYR A 117 -6.09 5.91 9.44
C TYR A 117 -5.39 7.22 9.69
N LEU A 118 -4.48 7.23 10.66
CA LEU A 118 -3.88 8.46 11.18
C LEU A 118 -2.39 8.50 10.90
N TRP A 119 -1.81 9.72 10.85
CA TRP A 119 -0.35 9.89 10.58
C TRP A 119 0.31 10.68 11.70
N ALA A 120 1.44 10.15 12.20
CA ALA A 120 2.33 10.93 13.08
C ALA A 120 3.39 11.65 12.27
N PHE A 121 3.36 12.98 12.38
CA PHE A 121 4.22 13.85 11.60
C PHE A 121 5.65 13.88 12.16
N GLN A 122 5.78 13.86 13.48
CA GLN A 122 7.06 13.73 14.18
C GLN A 122 7.15 12.36 14.87
N LYS A 123 8.24 11.61 14.67
CA LYS A 123 8.31 10.23 15.22
C LYS A 123 8.23 10.17 16.76
N GLY A 124 7.46 9.22 17.29
CA GLY A 124 7.13 9.15 18.73
C GLY A 124 5.99 10.04 19.24
N GLN A 125 5.35 10.81 18.36
CA GLN A 125 4.21 11.68 18.71
C GLN A 125 2.90 11.01 18.30
N PRO A 126 1.76 11.38 18.94
CA PRO A 126 0.47 10.78 18.60
C PRO A 126 0.01 11.09 17.14
N PRO A 127 -0.42 10.04 16.37
CA PRO A 127 -0.94 10.26 15.00
C PRO A 127 -2.26 11.02 14.97
N VAL A 128 -2.44 11.82 13.94
CA VAL A 128 -3.62 12.66 13.77
C VAL A 128 -4.40 12.41 12.46
N SER A 129 -5.66 12.82 12.45
CA SER A 129 -6.49 12.95 11.26
C SER A 129 -5.90 13.97 10.21
N VAL A 130 -5.81 13.50 8.96
CA VAL A 130 -5.33 14.27 7.81
C VAL A 130 -6.15 13.87 6.55
N SER A 131 -6.13 14.71 5.51
CA SER A 131 -6.95 14.43 4.28
C SER A 131 -6.32 13.20 3.61
N ALA A 132 -7.03 12.49 2.74
CA ALA A 132 -6.45 11.26 2.14
C ALA A 132 -5.20 11.61 1.32
N PRO A 133 -5.26 12.63 0.46
CA PRO A 133 -4.02 12.87 -0.34
C PRO A 133 -2.80 13.34 0.48
N LYS A 134 -3.02 14.06 1.59
CA LYS A 134 -1.93 14.40 2.48
C LYS A 134 -1.32 13.17 3.13
N TYR A 135 -2.18 12.27 3.62
CA TYR A 135 -1.81 10.98 4.17
C TYR A 135 -0.94 10.17 3.16
N VAL A 136 -1.46 10.02 1.94
CA VAL A 136 -0.82 9.19 0.91
C VAL A 136 0.54 9.77 0.52
N GLU A 137 0.57 11.08 0.31
CA GLU A 137 1.81 11.78 0.07
C GLU A 137 2.87 11.52 1.13
N CYS A 138 2.54 11.79 2.40
CA CYS A 138 3.46 11.60 3.53
C CYS A 138 3.94 10.14 3.62
N LEU A 139 3.01 9.19 3.51
CA LEU A 139 3.32 7.78 3.61
C LEU A 139 4.26 7.34 2.51
N ARG A 141 6.23 9.17 0.45
CA ARG A 141 7.55 9.84 0.62
C ARG A 141 8.34 9.20 1.79
N TRP A 142 7.65 8.80 2.86
CA TRP A 142 8.31 8.06 3.97
C TRP A 142 8.88 6.69 3.48
N CYS A 143 8.11 5.98 2.64
CA CYS A 143 8.62 4.71 2.10
C CYS A 143 9.90 4.90 1.28
N GLN A 144 9.90 5.91 0.40
CA GLN A 144 11.09 6.24 -0.40
C GLN A 144 12.30 6.59 0.47
N ASP A 145 12.08 7.36 1.55
CA ASP A 145 13.14 7.61 2.50
C ASP A 145 13.69 6.33 3.13
N GLN A 146 12.86 5.32 3.39
CA GLN A 146 13.42 4.04 3.89
C GLN A 146 14.20 3.34 2.77
N PHE A 147 13.63 3.28 1.55
CA PHE A 147 14.34 2.60 0.42
C PHE A 147 15.71 3.26 0.17
N ASP A 148 15.79 4.56 0.43
CA ASP A 148 17.00 5.34 0.07
C ASP A 148 18.04 5.37 1.23
N ASP A 149 17.69 4.72 2.33
CA ASP A 149 18.55 4.71 3.55
C ASP A 149 19.44 3.48 3.50
N GLU A 150 20.73 3.70 3.18
CA GLU A 150 21.74 2.64 3.03
C GLU A 150 21.89 1.65 4.23
N SER A 151 21.56 2.11 5.43
CA SER A 151 21.60 1.27 6.63
C SER A 151 20.39 0.31 6.74
N LEU A 152 19.39 0.50 5.87
CA LEU A 152 18.20 -0.32 5.91
C LEU A 152 18.18 -1.19 4.66
N PHE A 153 18.30 -0.52 3.51
CA PHE A 153 18.28 -1.12 2.22
C PHE A 153 19.66 -0.90 1.57
N PRO A 154 20.58 -1.86 1.74
CA PRO A 154 21.93 -1.64 1.21
C PRO A 154 21.93 -1.39 -0.31
N SER A 155 22.57 -0.31 -0.74
CA SER A 155 22.53 0.09 -2.16
C SER A 155 23.78 -0.39 -2.92
N LYS A 156 24.52 -1.31 -2.33
CA LYS A 156 25.64 -1.94 -3.01
C LYS A 156 25.62 -3.44 -2.73
N VAL A 157 26.39 -4.21 -3.51
CA VAL A 157 26.54 -5.65 -3.26
C VAL A 157 27.26 -5.94 -1.92
N THR A 158 28.17 -5.04 -1.54
CA THR A 158 29.02 -5.16 -0.34
C THR A 158 28.36 -4.71 1.02
N GLY A 159 27.11 -4.23 0.96
CA GLY A 159 26.36 -3.88 2.17
C GLY A 159 25.71 -5.11 2.76
N THR A 160 25.26 -5.00 4.01
CA THR A 160 24.41 -6.03 4.64
C THR A 160 23.04 -5.46 5.11
N PHE A 161 22.09 -6.35 5.38
CA PHE A 161 20.80 -5.95 5.93
C PHE A 161 20.90 -5.92 7.46
N PRO A 162 20.19 -4.98 8.13
CA PRO A 162 20.27 -4.92 9.60
C PRO A 162 19.57 -6.12 10.27
N GLU A 163 19.90 -6.39 11.52
CA GLU A 163 19.20 -7.42 12.25
C GLU A 163 17.78 -6.93 12.42
N GLY A 164 16.84 -7.85 12.32
CA GLY A 164 15.40 -7.58 12.45
C GLY A 164 14.77 -7.00 11.18
N PHE A 165 15.53 -6.97 10.08
CA PHE A 165 15.07 -6.37 8.83
C PHE A 165 13.61 -6.69 8.52
N ILE A 166 13.23 -7.97 8.50
CA ILE A 166 11.85 -8.32 8.09
C ILE A 166 10.80 -7.75 9.05
N GLN A 167 11.08 -7.81 10.35
CA GLN A 167 10.09 -7.41 11.35
C GLN A 167 10.05 -5.92 11.56
N ARG A 168 11.22 -5.30 11.52
CA ARG A 168 11.36 -3.89 11.88
C ARG A 168 11.26 -2.93 10.67
N VAL A 169 11.54 -3.45 9.47
CA VAL A 169 11.50 -2.58 8.28
C VAL A 169 10.41 -3.00 7.30
N ILE A 170 10.47 -4.26 6.86
CA ILE A 170 9.52 -4.79 5.86
C ILE A 170 8.05 -4.77 6.35
N GLN A 171 7.79 -5.31 7.53
CA GLN A 171 6.40 -5.40 8.04
C GLN A 171 5.62 -4.11 8.23
N PRO A 172 6.27 -3.09 8.85
CA PRO A 172 5.67 -1.75 8.94
C PRO A 172 5.36 -1.14 7.54
N ILE A 173 6.28 -1.28 6.59
CA ILE A 173 6.05 -0.79 5.23
C ILE A 173 4.85 -1.48 4.55
N LEU A 174 4.78 -2.81 4.59
CA LEU A 174 3.61 -3.56 4.06
C LEU A 174 2.31 -3.19 4.75
N ARG A 175 2.30 -3.06 6.10
CA ARG A 175 1.09 -2.65 6.84
C ARG A 175 0.56 -1.28 6.36
N ARG A 176 1.48 -0.33 6.20
CA ARG A 176 1.10 1.00 5.67
C ARG A 176 0.64 1.03 4.18
N LEU A 177 1.37 0.34 3.29
CA LEU A 177 0.96 0.30 1.88
C LEU A 177 -0.44 -0.29 1.71
N PHE A 178 -0.79 -1.28 2.53
CA PHE A 178 -2.16 -1.85 2.52
C PHE A 178 -3.25 -0.81 2.70
N ARG A 179 -3.09 0.13 3.65
CA ARG A 179 -4.04 1.23 3.88
C ARG A 179 -4.32 2.06 2.60
N VAL A 180 -3.32 2.16 1.69
CA VAL A 180 -3.49 2.88 0.39
C VAL A 180 -4.41 2.07 -0.51
N TYR A 181 -4.19 0.76 -0.59
CA TYR A 181 -5.15 -0.10 -1.34
C TYR A 181 -6.55 0.04 -0.77
N ALA A 182 -6.66 0.10 0.56
CA ALA A 182 -7.99 0.18 1.19
C ALA A 182 -8.73 1.47 0.78
N HIS A 183 -8.02 2.60 0.78
CA HIS A 183 -8.66 3.86 0.34
C HIS A 183 -9.13 3.82 -1.14
N ILE A 184 -8.29 3.25 -2.01
CA ILE A 184 -8.59 3.16 -3.45
C ILE A 184 -9.87 2.39 -3.69
N TYR A 185 -9.96 1.18 -3.10
CA TYR A 185 -11.10 0.27 -3.32
C TYR A 185 -12.39 0.86 -2.76
N CYS A 186 -12.32 1.42 -1.54
CA CYS A 186 -13.51 1.93 -0.85
C CYS A 186 -13.97 3.34 -1.32
N HIS A 187 -13.07 4.13 -1.87
CA HIS A 187 -13.44 5.48 -2.29
C HIS A 187 -13.18 5.91 -3.73
N HIS A 188 -12.38 5.13 -4.48
CA HIS A 188 -12.10 5.50 -5.88
C HIS A 188 -12.31 4.42 -6.93
N PHE A 189 -12.99 3.33 -6.58
CA PHE A 189 -13.08 2.21 -7.56
C PHE A 189 -13.78 2.59 -8.85
N ASN A 190 -14.80 3.43 -8.78
CA ASN A 190 -15.52 3.89 -10.00
C ASN A 190 -14.61 4.52 -11.05
N GLU A 191 -13.55 5.15 -10.59
CA GLU A 191 -12.64 5.90 -11.47
C GLU A 191 -11.63 4.94 -12.08
N ILE A 192 -11.25 3.95 -11.31
CA ILE A 192 -10.37 2.89 -11.74
C ILE A 192 -11.07 2.15 -12.92
N LEU A 193 -12.34 1.85 -12.70
CA LEU A 193 -13.23 1.23 -13.71
C LEU A 193 -13.39 2.06 -15.00
N GLU A 194 -13.69 3.35 -14.85
CA GLU A 194 -13.67 4.32 -16.00
C GLU A 194 -12.39 4.20 -16.90
N LEU A 195 -11.24 3.92 -16.28
CA LEU A 195 -9.95 3.84 -16.98
C LEU A 195 -9.58 2.40 -17.35
N ASN A 196 -10.48 1.47 -17.06
CA ASN A 196 -10.31 0.05 -17.41
C ASN A 196 -9.10 -0.55 -16.66
N LEU A 197 -8.90 -0.15 -15.39
CA LEU A 197 -7.75 -0.62 -14.61
C LEU A 197 -8.14 -1.61 -13.54
N GLN A 198 -9.38 -2.11 -13.61
CA GLN A 198 -9.89 -3.07 -12.59
C GLN A 198 -9.04 -4.31 -12.48
N THR A 199 -8.56 -4.83 -13.62
CA THR A 199 -7.79 -6.10 -13.63
C THR A 199 -6.36 -5.89 -13.14
N VAL A 200 -5.75 -4.77 -13.54
CA VAL A 200 -4.43 -4.39 -13.04
C VAL A 200 -4.51 -4.16 -11.50
N LEU A 201 -5.58 -3.50 -11.03
CA LEU A 201 -5.70 -3.23 -9.58
C LEU A 201 -5.85 -4.55 -8.82
N ASN A 202 -6.77 -5.40 -9.28
CA ASN A 202 -7.07 -6.69 -8.62
C ASN A 202 -5.89 -7.65 -8.68
N THR A 203 -5.15 -7.63 -9.78
CA THR A 203 -3.94 -8.47 -9.93
C THR A 203 -2.81 -8.06 -8.99
N SER A 204 -2.52 -6.76 -8.91
CA SER A 204 -1.53 -6.19 -7.92
C SER A 204 -1.87 -6.54 -6.48
N PHE A 205 -3.13 -6.26 -6.11
CA PHE A 205 -3.59 -6.53 -4.75
C PHE A 205 -3.52 -8.04 -4.39
N ARG A 206 -3.93 -8.90 -5.33
CA ARG A 206 -3.87 -10.33 -5.16
C ARG A 206 -2.41 -10.77 -4.90
N HIS A 207 -1.47 -10.30 -5.71
CA HIS A 207 -0.04 -10.64 -5.60
C HIS A 207 0.52 -10.08 -4.26
N PHE A 208 0.08 -8.88 -3.86
CA PHE A 208 0.48 -8.26 -2.57
C PHE A 208 0.07 -9.17 -1.40
N CYS A 209 -1.19 -9.62 -1.41
CA CYS A 209 -1.77 -10.47 -0.36
C CYS A 209 -1.20 -11.88 -0.33
N LEU A 210 -0.96 -12.50 -1.48
CA LEU A 210 -0.32 -13.82 -1.52
C LEU A 210 1.12 -13.78 -1.00
N PHE A 211 1.84 -12.71 -1.35
CA PHE A 211 3.23 -12.52 -0.94
C PHE A 211 3.33 -12.38 0.59
N ALA A 212 2.47 -11.53 1.17
CA ALA A 212 2.36 -11.40 2.60
C ALA A 212 1.98 -12.71 3.32
N GLN A 213 1.11 -13.52 2.74
CA GLN A 213 0.72 -14.82 3.33
C GLN A 213 1.93 -15.82 3.35
N GLU A 214 2.61 -15.99 2.23
CA GLU A 214 3.76 -16.88 2.09
C GLU A 214 4.83 -16.69 3.17
N PHE A 215 4.99 -15.44 3.63
CA PHE A 215 6.03 -15.10 4.60
C PHE A 215 5.50 -14.65 5.96
N GLU A 216 4.19 -14.80 6.15
CA GLU A 216 3.46 -14.32 7.33
C GLU A 216 3.68 -12.85 7.74
N LEU A 217 3.81 -11.97 6.76
CA LEU A 217 4.05 -10.56 6.98
C LEU A 217 2.77 -9.83 7.46
N LEU A 218 1.63 -10.27 6.94
CA LEU A 218 0.33 -9.67 7.27
C LEU A 218 -0.61 -10.73 7.73
N ARG A 219 -1.42 -10.34 8.70
CA ARG A 219 -2.35 -11.22 9.31
C ARG A 219 -3.75 -10.68 9.02
N PRO A 220 -4.75 -11.57 9.06
CA PRO A 220 -6.16 -11.26 8.79
C PRO A 220 -6.67 -9.92 9.34
N ALA A 221 -6.38 -9.63 10.61
CA ALA A 221 -6.61 -8.28 11.20
C ALA A 221 -5.97 -7.05 10.49
N ASP A 222 -4.82 -7.23 9.82
CA ASP A 222 -4.18 -6.12 9.08
C ASP A 222 -4.95 -5.69 7.85
N PHE A 223 -5.85 -6.54 7.39
CA PHE A 223 -6.71 -6.28 6.23
C PHE A 223 -7.96 -5.41 6.45
N GLY A 224 -8.30 -5.12 7.70
CA GLY A 224 -9.42 -4.24 8.09
C GLY A 224 -10.70 -4.49 7.33
N PRO A 225 -11.15 -3.49 6.54
CA PRO A 225 -12.40 -3.63 5.79
C PRO A 225 -12.28 -4.54 4.55
N LEU A 226 -11.07 -4.83 4.08
CA LEU A 226 -10.93 -5.63 2.87
C LEU A 226 -10.85 -7.18 3.13
N LEU A 227 -11.06 -7.62 4.36
CA LEU A 227 -10.99 -9.07 4.67
C LEU A 227 -11.73 -9.99 3.71
N GLU A 228 -12.99 -9.67 3.36
CA GLU A 228 -13.77 -10.48 2.39
C GLU A 228 -13.18 -10.44 1.01
N LEU A 229 -12.70 -9.26 0.63
CA LEU A 229 -12.01 -9.11 -0.66
C LEU A 229 -10.81 -10.07 -0.74
N VAL A 230 -9.98 -10.04 0.30
CA VAL A 230 -8.82 -10.92 0.37
C VAL A 230 -9.28 -12.38 0.29
N GLU A 232 -11.87 -13.54 -1.23
CA GLU A 232 -12.30 -13.85 -2.63
C GLU A 232 -11.16 -13.80 -3.67
N LEU A 233 -10.36 -12.73 -3.61
CA LEU A 233 -9.28 -12.48 -4.59
C LEU A 233 -8.12 -13.41 -4.45
N ARG A 234 -7.63 -13.59 -3.22
CA ARG A 234 -6.45 -14.43 -2.98
C ARG A 234 -6.50 -15.70 -3.85
N ASP A 235 -7.56 -16.50 -3.69
CA ASP A 235 -7.70 -17.74 -4.44
C ASP A 235 -8.74 -17.61 -5.55
#